data_1YEG
#
_entry.id   1YEG
#
_cell.length_a   78.550
_cell.length_b   78.550
_cell.length_c   159.500
_cell.angle_alpha   90.00
_cell.angle_beta   90.00
_cell.angle_gamma   120.00
#
_symmetry.space_group_name_H-M   'P 31 2 1'
#
loop_
_entity.id
_entity.type
_entity.pdbx_description
1 polymer 'IGG2A FAB FRAGMENT'
2 polymer 'IGG2A FAB FRAGMENT'
3 non-polymer 'ZINC ION'
4 non-polymer 'PARANITROBENZYL ALCOHOL'
5 non-polymer 'ACETATE ION'
6 water water
#
loop_
_entity_poly.entity_id
_entity_poly.type
_entity_poly.pdbx_seq_one_letter_code
_entity_poly.pdbx_strand_id
1 'polypeptide(L)'
;DIVMTQSPLTLSVTIGQPASISCKSSQSLLYSNGKTYLNWLLQRPGQSPKRLIHLVSKLDSGVPDRITGSGSGTDFTLKI
SRVEAADLGVYYCVQGTHFPYTFGGGTKLEILRGDAAPTVSIFPPSSEQLTSGGASVVCFLNNFYPKDINVKWKIDGSER
QNGVLNSWTDQDSKDSTYSMSSTLTLTKDEYERHNSYTCEATHKTSTSPIVKSFNRNEC
;
L
2 'polypeptide(L)'
;EMQLQQSGAELLRPGTSVKLSCKTSGYIFTSYWIHWVKQRSGQGLEWIARIYPGTGSTYYNEKFKGKATLTADKSSSTAY
MQLSTLKSEDSAVYFCTRWGFIPVREDYVMDYWGQGTLVTVSSAKTTAPSVYPLAPVCGDTTGSSVTLGCLVKGYFPEPV
TLTWNSGSLSSGVHTFPAVLQSDLYTLSSSVTVTSSTWPSQSITCNVAHPASSTKVDKKIEP
;
H
#
# COMPACT_ATOMS: atom_id res chain seq x y z
N ASP A 1 -27.07 -7.67 7.69
CA ASP A 1 -25.81 -8.43 7.44
C ASP A 1 -25.13 -8.60 8.80
N ILE A 2 -24.27 -9.59 8.92
CA ILE A 2 -23.58 -9.83 10.18
C ILE A 2 -22.46 -8.82 10.33
N VAL A 3 -22.37 -8.21 11.50
CA VAL A 3 -21.30 -7.26 11.79
C VAL A 3 -20.19 -8.04 12.52
N MET A 4 -18.97 -7.90 12.02
CA MET A 4 -17.79 -8.57 12.57
C MET A 4 -16.89 -7.52 13.23
N THR A 5 -16.65 -7.67 14.54
CA THR A 5 -15.85 -6.73 15.30
C THR A 5 -14.49 -7.30 15.72
N GLN A 6 -13.40 -6.67 15.29
CA GLN A 6 -12.06 -7.14 15.63
C GLN A 6 -11.40 -6.23 16.63
N SER A 7 -10.66 -6.83 17.54
CA SER A 7 -9.93 -6.06 18.53
C SER A 7 -8.66 -6.85 18.88
N PRO A 8 -7.54 -6.14 19.08
CA PRO A 8 -7.44 -4.67 18.98
C PRO A 8 -7.30 -4.19 17.54
N LEU A 9 -7.24 -2.88 17.35
CA LEU A 9 -7.06 -2.28 16.04
C LEU A 9 -5.64 -2.50 15.55
N THR A 10 -4.69 -2.38 16.48
CA THR A 10 -3.27 -2.56 16.17
C THR A 10 -2.58 -3.19 17.39
N LEU A 11 -1.61 -4.04 17.14
CA LEU A 11 -0.84 -4.62 18.23
C LEU A 11 0.62 -4.59 17.85
N SER A 12 1.47 -4.28 18.82
CA SER A 12 2.90 -4.22 18.59
C SER A 12 3.51 -5.30 19.44
N VAL A 13 4.21 -6.23 18.79
CA VAL A 13 4.79 -7.36 19.49
C VAL A 13 6.23 -7.56 19.09
N THR A 14 7.06 -7.99 20.03
CA THR A 14 8.46 -8.21 19.70
C THR A 14 8.59 -9.62 19.13
N ILE A 15 9.50 -9.78 18.19
CA ILE A 15 9.76 -11.08 17.59
C ILE A 15 9.99 -12.10 18.71
N GLY A 16 9.30 -13.22 18.66
CA GLY A 16 9.49 -14.23 19.68
C GLY A 16 8.36 -14.26 20.69
N GLN A 17 7.57 -13.20 20.80
CA GLN A 17 6.49 -13.24 21.75
C GLN A 17 5.18 -13.67 21.09
N PRO A 18 4.21 -14.10 21.90
CA PRO A 18 2.91 -14.53 21.39
C PRO A 18 1.98 -13.33 21.13
N ALA A 19 0.98 -13.52 20.28
CA ALA A 19 0.02 -12.47 19.95
C ALA A 19 -1.33 -13.13 19.71
N SER A 20 -2.39 -12.48 20.16
CA SER A 20 -3.73 -13.02 19.91
C SER A 20 -4.67 -11.91 19.46
N ILE A 21 -5.51 -12.25 18.49
CA ILE A 21 -6.47 -11.34 17.88
C ILE A 21 -7.88 -11.88 18.13
N SER A 22 -8.80 -10.98 18.46
CA SER A 22 -10.15 -11.37 18.73
C SER A 22 -11.10 -10.91 17.65
N CYS A 23 -12.14 -11.71 17.43
CA CYS A 23 -13.18 -11.42 16.44
C CYS A 23 -14.53 -11.85 17.04
N LYS A 24 -15.49 -10.92 16.99
CA LYS A 24 -16.84 -11.13 17.53
C LYS A 24 -17.87 -10.87 16.42
N SER A 25 -18.95 -11.65 16.39
CA SER A 25 -19.97 -11.48 15.37
C SER A 25 -21.32 -11.15 15.99
N SER A 26 -22.17 -10.48 15.23
CA SER A 26 -23.51 -10.11 15.69
C SER A 26 -24.54 -11.25 15.71
N GLN A 27 -24.22 -12.36 15.05
CA GLN A 27 -25.07 -13.56 15.00
C GLN A 27 -24.15 -14.75 15.21
N SER A 28 -24.66 -15.83 15.79
CA SER A 28 -23.85 -17.04 15.96
C SER A 28 -23.47 -17.47 14.54
N LEU A 29 -22.26 -17.99 14.37
CA LEU A 29 -21.81 -18.40 13.05
C LEU A 29 -21.95 -19.89 12.87
N LEU A 30 -22.66 -20.53 13.79
CA LEU A 30 -22.89 -21.96 13.67
C LEU A 30 -23.91 -22.14 12.56
N TYR A 31 -23.53 -22.82 11.48
CA TYR A 31 -24.40 -23.08 10.37
C TYR A 31 -25.40 -24.22 10.71
N SER A 32 -26.50 -24.31 9.98
CA SER A 32 -27.50 -25.34 10.26
C SER A 32 -27.00 -26.76 10.07
N ASN A 33 -25.86 -26.93 9.40
CA ASN A 33 -25.32 -28.26 9.21
C ASN A 33 -24.33 -28.53 10.36
N GLY A 34 -24.27 -27.63 11.34
CA GLY A 34 -23.37 -27.80 12.47
C GLY A 34 -21.93 -27.36 12.27
N LYS A 35 -21.60 -26.83 11.10
CA LYS A 35 -20.24 -26.37 10.85
C LYS A 35 -20.21 -24.87 11.01
N THR A 36 -19.06 -24.33 11.40
CA THR A 36 -18.89 -22.90 11.61
C THR A 36 -17.91 -22.35 10.57
N TYR A 37 -18.42 -21.59 9.62
CA TYR A 37 -17.61 -21.02 8.54
C TYR A 37 -16.94 -19.68 8.89
N LEU A 38 -15.90 -19.75 9.72
CA LEU A 38 -15.15 -18.57 10.12
C LEU A 38 -13.71 -18.75 9.62
N ASN A 39 -13.24 -17.77 8.85
CA ASN A 39 -11.91 -17.76 8.26
C ASN A 39 -11.06 -16.58 8.74
N TRP A 40 -9.75 -16.74 8.65
CA TRP A 40 -8.79 -15.70 9.02
C TRP A 40 -7.87 -15.51 7.83
N LEU A 41 -7.66 -14.25 7.44
CA LEU A 41 -6.81 -13.90 6.29
C LEU A 41 -5.72 -12.95 6.77
N LEU A 42 -4.63 -12.91 6.02
CA LEU A 42 -3.54 -12.01 6.33
C LEU A 42 -3.23 -11.28 5.03
N GLN A 43 -3.12 -9.96 5.09
CA GLN A 43 -2.77 -9.22 3.89
C GLN A 43 -1.44 -8.55 4.22
N ARG A 44 -0.36 -9.07 3.63
CA ARG A 44 0.96 -8.50 3.84
C ARG A 44 1.09 -7.23 3.03
N PRO A 45 1.88 -6.27 3.52
CA PRO A 45 2.08 -5.01 2.82
C PRO A 45 2.40 -5.20 1.32
N GLY A 46 1.59 -4.56 0.48
CA GLY A 46 1.76 -4.64 -0.95
C GLY A 46 1.38 -5.98 -1.57
N GLN A 47 0.62 -6.78 -0.84
CA GLN A 47 0.22 -8.09 -1.33
C GLN A 47 -1.30 -8.27 -1.27
N SER A 48 -1.79 -9.30 -1.95
CA SER A 48 -3.22 -9.63 -1.95
C SER A 48 -3.43 -10.42 -0.66
N PRO A 49 -4.67 -10.46 -0.16
CA PRO A 49 -4.93 -11.22 1.08
C PRO A 49 -4.70 -12.73 0.85
N LYS A 50 -4.48 -13.48 1.93
CA LYS A 50 -4.25 -14.93 1.86
C LYS A 50 -4.94 -15.59 3.05
N ARG A 51 -5.62 -16.70 2.82
CA ARG A 51 -6.29 -17.40 3.91
C ARG A 51 -5.29 -18.23 4.70
N LEU A 52 -5.35 -18.04 6.01
CA LEU A 52 -4.51 -18.74 6.98
C LEU A 52 -5.28 -19.92 7.58
N ILE A 53 -6.53 -19.66 7.96
CA ILE A 53 -7.36 -20.66 8.63
C ILE A 53 -8.78 -20.68 8.09
N HIS A 54 -9.39 -21.87 8.09
CA HIS A 54 -10.78 -22.06 7.66
C HIS A 54 -11.48 -22.96 8.68
N LEU A 55 -12.80 -22.89 8.73
CA LEU A 55 -13.57 -23.71 9.67
C LEU A 55 -13.07 -23.53 11.10
N VAL A 56 -12.85 -22.27 11.47
CA VAL A 56 -12.42 -21.86 12.80
C VAL A 56 -11.00 -22.24 13.24
N SER A 57 -10.63 -23.50 13.05
CA SER A 57 -9.33 -23.93 13.53
C SER A 57 -8.48 -24.74 12.58
N LYS A 58 -8.94 -24.91 11.36
CA LYS A 58 -8.19 -25.68 10.39
C LYS A 58 -7.22 -24.80 9.62
N LEU A 59 -5.95 -25.15 9.67
CA LEU A 59 -4.91 -24.40 8.96
C LEU A 59 -4.90 -24.74 7.48
N ASP A 60 -4.65 -23.75 6.64
CA ASP A 60 -4.55 -24.02 5.22
C ASP A 60 -3.18 -24.60 4.96
N SER A 61 -3.04 -25.30 3.84
CA SER A 61 -1.77 -25.89 3.49
C SER A 61 -0.70 -24.83 3.32
N GLY A 62 0.51 -25.11 3.81
CA GLY A 62 1.61 -24.17 3.70
C GLY A 62 1.63 -23.13 4.79
N VAL A 63 0.67 -23.18 5.70
CA VAL A 63 0.60 -22.21 6.80
C VAL A 63 1.26 -22.84 8.02
N PRO A 64 2.21 -22.13 8.65
CA PRO A 64 2.94 -22.60 9.84
C PRO A 64 2.00 -22.83 11.03
N ASP A 65 2.18 -23.95 11.72
CA ASP A 65 1.34 -24.24 12.86
C ASP A 65 1.64 -23.43 14.10
N ARG A 66 2.35 -22.31 13.91
CA ARG A 66 2.63 -21.35 14.98
C ARG A 66 1.31 -20.59 15.15
N ILE A 67 0.53 -20.58 14.06
CA ILE A 67 -0.77 -19.92 14.01
C ILE A 67 -1.84 -20.92 14.45
N THR A 68 -2.69 -20.49 15.37
CA THR A 68 -3.75 -21.34 15.88
C THR A 68 -5.06 -20.56 15.86
N GLY A 69 -6.18 -21.26 15.67
CA GLY A 69 -7.46 -20.58 15.66
C GLY A 69 -8.43 -21.30 16.59
N SER A 70 -9.33 -20.57 17.22
CA SER A 70 -10.31 -21.19 18.11
C SER A 70 -11.53 -20.31 18.32
N GLY A 71 -12.52 -20.85 19.01
CA GLY A 71 -13.74 -20.12 19.30
C GLY A 71 -14.98 -20.87 18.84
N SER A 72 -16.14 -20.24 19.03
CA SER A 72 -17.42 -20.79 18.60
C SER A 72 -18.52 -19.78 18.87
N GLY A 73 -19.66 -19.98 18.25
CA GLY A 73 -20.77 -19.08 18.46
C GLY A 73 -20.50 -17.73 17.85
N THR A 74 -20.18 -16.75 18.68
CA THR A 74 -19.92 -15.38 18.22
C THR A 74 -18.54 -14.85 18.61
N ASP A 75 -17.74 -15.70 19.26
CA ASP A 75 -16.42 -15.29 19.72
C ASP A 75 -15.31 -16.18 19.19
N PHE A 76 -14.36 -15.55 18.50
CA PHE A 76 -13.25 -16.27 17.89
C PHE A 76 -11.91 -15.59 18.18
N THR A 77 -10.85 -16.40 18.21
CA THR A 77 -9.50 -15.90 18.49
C THR A 77 -8.46 -16.54 17.59
N LEU A 78 -7.53 -15.71 17.13
CA LEU A 78 -6.41 -16.18 16.32
C LEU A 78 -5.21 -15.98 17.23
N LYS A 79 -4.38 -17.00 17.38
CA LYS A 79 -3.21 -16.88 18.22
C LYS A 79 -1.94 -17.24 17.45
N ILE A 80 -0.91 -16.43 17.65
CA ILE A 80 0.39 -16.66 17.03
C ILE A 80 1.26 -16.98 18.25
N SER A 81 1.75 -18.21 18.32
CA SER A 81 2.56 -18.67 19.45
C SER A 81 3.90 -17.98 19.57
N ARG A 82 4.53 -17.70 18.44
CA ARG A 82 5.84 -17.06 18.43
C ARG A 82 5.88 -16.18 17.19
N VAL A 83 5.89 -14.87 17.37
CA VAL A 83 5.93 -13.95 16.23
C VAL A 83 7.26 -13.86 15.51
N GLU A 84 7.20 -13.92 14.19
CA GLU A 84 8.37 -13.82 13.33
C GLU A 84 8.13 -12.56 12.49
N ALA A 85 9.20 -12.03 11.89
CA ALA A 85 9.11 -10.81 11.07
C ALA A 85 8.11 -10.92 9.89
N ALA A 86 7.97 -12.12 9.34
CA ALA A 86 7.06 -12.35 8.22
C ALA A 86 5.57 -12.23 8.61
N ASP A 87 5.28 -12.06 9.88
CA ASP A 87 3.89 -11.97 10.35
C ASP A 87 3.32 -10.55 10.29
N LEU A 88 4.15 -9.59 9.92
CA LEU A 88 3.73 -8.20 9.82
C LEU A 88 2.63 -8.03 8.74
N GLY A 89 1.55 -7.34 9.07
CA GLY A 89 0.49 -7.13 8.11
C GLY A 89 -0.86 -6.93 8.80
N VAL A 90 -1.95 -7.00 8.03
CA VAL A 90 -3.28 -6.83 8.58
C VAL A 90 -4.02 -8.17 8.56
N TYR A 91 -4.59 -8.54 9.70
CA TYR A 91 -5.32 -9.78 9.86
C TYR A 91 -6.82 -9.49 9.85
N TYR A 92 -7.58 -10.30 9.12
CA TYR A 92 -9.04 -10.13 9.02
C TYR A 92 -9.76 -11.44 9.30
N CYS A 93 -10.91 -11.37 9.97
CA CYS A 93 -11.73 -12.55 10.16
C CYS A 93 -12.86 -12.31 9.17
N VAL A 94 -13.36 -13.38 8.56
CA VAL A 94 -14.45 -13.26 7.58
C VAL A 94 -15.37 -14.47 7.76
N GLN A 95 -16.67 -14.21 7.78
CA GLN A 95 -17.65 -15.27 7.96
C GLN A 95 -18.39 -15.63 6.68
N GLY A 96 -18.63 -16.93 6.50
CA GLY A 96 -19.36 -17.40 5.33
C GLY A 96 -20.61 -18.18 5.70
N THR A 97 -21.05 -18.08 6.97
CA THR A 97 -22.24 -18.79 7.45
C THR A 97 -23.55 -18.11 7.04
N HIS A 98 -23.52 -16.80 7.01
CA HIS A 98 -24.68 -16.01 6.67
C HIS A 98 -24.39 -15.19 5.42
N PHE A 99 -25.40 -15.09 4.54
CA PHE A 99 -25.27 -14.37 3.28
C PHE A 99 -25.75 -12.92 3.51
N PRO A 100 -24.99 -11.92 3.01
CA PRO A 100 -23.74 -12.06 2.26
C PRO A 100 -22.55 -12.17 3.21
N TYR A 101 -21.43 -12.68 2.70
CA TYR A 101 -20.21 -12.84 3.48
C TYR A 101 -19.70 -11.47 3.93
N THR A 102 -19.27 -11.37 5.19
CA THR A 102 -18.80 -10.11 5.76
C THR A 102 -17.45 -10.26 6.49
N PHE A 103 -16.64 -9.22 6.39
CA PHE A 103 -15.30 -9.16 6.99
C PHE A 103 -15.25 -8.27 8.22
N GLY A 104 -14.24 -8.49 9.05
CA GLY A 104 -14.02 -7.66 10.23
C GLY A 104 -13.18 -6.49 9.71
N GLY A 105 -12.99 -5.47 10.54
CA GLY A 105 -12.25 -4.29 10.11
C GLY A 105 -10.75 -4.39 9.95
N GLY A 106 -10.17 -5.45 10.50
CA GLY A 106 -8.73 -5.65 10.41
C GLY A 106 -7.98 -5.28 11.68
N THR A 107 -6.85 -5.96 11.89
CA THR A 107 -5.96 -5.72 13.04
C THR A 107 -4.55 -5.67 12.46
N LYS A 108 -3.90 -4.52 12.56
CA LYS A 108 -2.55 -4.43 12.03
C LYS A 108 -1.59 -4.91 13.10
N LEU A 109 -0.69 -5.81 12.72
CA LEU A 109 0.29 -6.32 13.64
C LEU A 109 1.59 -5.62 13.28
N GLU A 110 2.24 -4.99 14.25
CA GLU A 110 3.50 -4.34 13.99
C GLU A 110 4.57 -4.88 14.92
N ILE A 111 5.75 -5.08 14.37
CA ILE A 111 6.86 -5.61 15.13
C ILE A 111 7.50 -4.54 16.01
N LEU A 112 7.52 -4.79 17.30
CA LEU A 112 8.09 -3.87 18.26
C LEU A 112 9.60 -4.07 18.33
N ARG A 113 10.37 -3.01 18.09
CA ARG A 113 11.83 -3.10 18.14
C ARG A 113 12.44 -1.99 18.97
N GLY A 114 13.77 -1.98 19.07
CA GLY A 114 14.48 -0.97 19.84
C GLY A 114 14.34 0.37 19.15
N ASP A 115 14.22 1.45 19.94
CA ASP A 115 14.10 2.80 19.39
C ASP A 115 15.24 3.07 18.43
N ALA A 116 14.93 3.76 17.34
CA ALA A 116 15.94 4.11 16.35
C ALA A 116 15.75 5.58 15.99
N ALA A 117 16.84 6.35 16.05
CA ALA A 117 16.80 7.76 15.73
C ALA A 117 16.82 7.94 14.22
N PRO A 118 16.06 8.92 13.70
CA PRO A 118 15.98 9.22 12.27
C PRO A 118 17.29 9.70 11.67
N THR A 119 17.51 9.36 10.41
CA THR A 119 18.67 9.83 9.68
C THR A 119 17.99 10.85 8.78
N VAL A 120 18.36 12.11 8.90
CA VAL A 120 17.72 13.18 8.16
C VAL A 120 18.59 13.79 7.06
N SER A 121 17.99 13.94 5.88
CA SER A 121 18.66 14.51 4.72
C SER A 121 17.80 15.65 4.19
N ILE A 122 18.42 16.77 3.80
CA ILE A 122 17.70 17.92 3.27
C ILE A 122 18.25 18.26 1.87
N PHE A 123 17.34 18.61 0.97
CA PHE A 123 17.66 18.93 -0.41
C PHE A 123 17.02 20.21 -0.90
N PRO A 124 17.83 21.14 -1.40
CA PRO A 124 17.35 22.42 -1.92
C PRO A 124 16.75 22.13 -3.30
N PRO A 125 16.03 23.09 -3.90
CA PRO A 125 15.41 22.91 -5.23
C PRO A 125 16.44 22.64 -6.33
N SER A 126 16.08 21.83 -7.31
CA SER A 126 17.00 21.58 -8.41
C SER A 126 16.91 22.75 -9.40
N SER A 127 17.90 22.86 -10.28
CA SER A 127 17.94 23.94 -11.28
C SER A 127 16.75 23.75 -12.21
N GLU A 128 16.56 22.51 -12.63
CA GLU A 128 15.49 22.16 -13.52
C GLU A 128 14.18 22.73 -13.01
N GLN A 129 13.90 22.52 -11.72
CA GLN A 129 12.67 23.01 -11.14
C GLN A 129 12.59 24.54 -11.07
N LEU A 130 13.66 25.17 -10.61
CA LEU A 130 13.68 26.63 -10.51
C LEU A 130 13.38 27.29 -11.85
N THR A 131 13.88 26.68 -12.91
CA THR A 131 13.66 27.18 -14.27
C THR A 131 12.17 27.27 -14.55
N SER A 132 11.42 26.29 -14.06
CA SER A 132 9.97 26.23 -14.25
C SER A 132 9.22 27.22 -13.35
N GLY A 133 9.94 27.97 -12.52
CA GLY A 133 9.29 28.93 -11.64
C GLY A 133 8.80 28.36 -10.33
N GLY A 134 9.23 27.14 -10.00
CA GLY A 134 8.82 26.54 -8.74
C GLY A 134 10.03 26.14 -7.91
N ALA A 135 9.82 25.87 -6.63
CA ALA A 135 10.92 25.49 -5.76
C ALA A 135 10.42 24.62 -4.62
N SER A 136 10.87 23.37 -4.58
CA SER A 136 10.49 22.45 -3.51
C SER A 136 11.71 22.08 -2.70
N VAL A 137 11.60 22.14 -1.39
CA VAL A 137 12.70 21.78 -0.51
C VAL A 137 12.24 20.47 0.11
N VAL A 138 13.07 19.42 -0.01
CA VAL A 138 12.73 18.10 0.50
C VAL A 138 13.57 17.63 1.69
N CYS A 139 12.90 16.95 2.60
CA CYS A 139 13.57 16.44 3.78
C CYS A 139 13.17 14.97 3.98
N PHE A 140 14.16 14.08 4.05
CA PHE A 140 13.90 12.66 4.27
C PHE A 140 14.31 12.32 5.68
N LEU A 141 13.42 11.64 6.40
CA LEU A 141 13.69 11.21 7.77
C LEU A 141 13.58 9.69 7.67
N ASN A 142 14.73 9.05 7.52
CA ASN A 142 14.79 7.61 7.33
C ASN A 142 15.16 6.75 8.54
N ASN A 143 14.55 5.58 8.57
CA ASN A 143 14.82 4.56 9.57
C ASN A 143 14.71 4.91 11.03
N PHE A 144 13.51 5.23 11.47
CA PHE A 144 13.30 5.56 12.86
C PHE A 144 12.23 4.65 13.43
N TYR A 145 12.24 4.52 14.75
CA TYR A 145 11.27 3.72 15.47
C TYR A 145 11.23 4.31 16.87
N PRO A 146 10.03 4.56 17.43
CA PRO A 146 8.64 4.38 16.97
C PRO A 146 8.26 5.27 15.79
N LYS A 147 7.11 4.95 15.18
CA LYS A 147 6.60 5.71 14.04
C LYS A 147 6.23 7.15 14.36
N ASP A 148 5.85 7.39 15.61
CA ASP A 148 5.43 8.71 16.08
C ASP A 148 6.52 9.76 15.94
N ILE A 149 6.27 10.75 15.09
CA ILE A 149 7.24 11.81 14.86
C ILE A 149 6.52 13.07 14.37
N ASN A 150 7.03 14.23 14.72
CA ASN A 150 6.44 15.50 14.31
C ASN A 150 7.50 16.33 13.61
N VAL A 151 7.22 16.75 12.38
CA VAL A 151 8.17 17.58 11.63
C VAL A 151 7.58 18.95 11.26
N LYS A 152 8.36 19.98 11.51
CA LYS A 152 7.96 21.34 11.17
C LYS A 152 9.00 22.00 10.28
N TRP A 153 8.56 22.91 9.42
CA TRP A 153 9.49 23.61 8.57
C TRP A 153 9.62 25.01 9.11
N LYS A 154 10.83 25.56 9.03
CA LYS A 154 11.06 26.92 9.48
C LYS A 154 11.90 27.62 8.45
N ILE A 155 11.48 28.83 8.10
CA ILE A 155 12.18 29.65 7.13
C ILE A 155 12.58 30.93 7.84
N ASP A 156 13.88 31.15 7.96
CA ASP A 156 14.38 32.33 8.63
C ASP A 156 13.80 32.45 10.03
N GLY A 157 13.72 31.32 10.71
CA GLY A 157 13.22 31.30 12.08
C GLY A 157 11.73 31.28 12.30
N SER A 158 10.93 31.39 11.26
CA SER A 158 9.48 31.36 11.44
C SER A 158 8.89 30.08 10.87
N GLU A 159 7.92 29.50 11.57
CA GLU A 159 7.30 28.27 11.12
C GLU A 159 6.44 28.49 9.88
N ARG A 160 6.52 27.54 8.95
CA ARG A 160 5.80 27.59 7.70
C ARG A 160 4.90 26.36 7.65
N GLN A 161 3.60 26.59 7.58
CA GLN A 161 2.62 25.50 7.55
C GLN A 161 1.92 25.26 6.22
N ASN A 162 1.94 26.26 5.36
CA ASN A 162 1.30 26.14 4.06
C ASN A 162 2.29 25.69 3.00
N GLY A 163 1.86 24.71 2.20
CA GLY A 163 2.70 24.18 1.13
C GLY A 163 3.51 22.95 1.52
N VAL A 164 3.18 22.34 2.66
CA VAL A 164 3.88 21.14 3.14
C VAL A 164 3.14 19.85 2.75
N LEU A 165 3.88 18.90 2.22
CA LEU A 165 3.31 17.64 1.77
C LEU A 165 4.13 16.51 2.41
N ASN A 166 3.49 15.73 3.28
CA ASN A 166 4.14 14.61 3.98
C ASN A 166 3.68 13.23 3.54
N SER A 167 4.60 12.27 3.57
CA SER A 167 4.29 10.90 3.20
C SER A 167 5.14 9.94 4.04
N TRP A 168 4.58 8.79 4.41
CA TRP A 168 5.28 7.80 5.23
C TRP A 168 5.22 6.44 4.55
N THR A 169 6.19 5.59 4.87
CA THR A 169 6.22 4.23 4.35
C THR A 169 5.60 3.35 5.44
N ASP A 170 5.30 2.11 5.11
CA ASP A 170 4.75 1.17 6.08
C ASP A 170 6.00 0.63 6.79
N GLN A 171 5.83 -0.16 7.84
CA GLN A 171 6.97 -0.71 8.53
C GLN A 171 7.77 -1.61 7.61
N ASP A 172 9.07 -1.36 7.56
CA ASP A 172 10.01 -2.11 6.74
C ASP A 172 10.28 -3.51 7.32
N SER A 173 10.08 -4.53 6.50
CA SER A 173 10.30 -5.90 6.93
C SER A 173 11.77 -6.30 7.00
N LYS A 174 12.68 -5.38 6.69
CA LYS A 174 14.10 -5.72 6.78
C LYS A 174 14.67 -5.30 8.12
N ASP A 175 14.18 -4.19 8.67
CA ASP A 175 14.68 -3.70 9.96
C ASP A 175 13.61 -3.18 10.92
N SER A 176 12.34 -3.31 10.51
CA SER A 176 11.19 -2.87 11.30
C SER A 176 11.12 -1.38 11.60
N THR A 177 11.82 -0.57 10.80
CA THR A 177 11.78 0.88 11.01
C THR A 177 10.79 1.52 10.03
N TYR A 178 10.58 2.82 10.20
CA TYR A 178 9.69 3.59 9.34
C TYR A 178 10.53 4.72 8.72
N SER A 179 10.06 5.27 7.60
CA SER A 179 10.74 6.39 6.95
C SER A 179 9.67 7.38 6.52
N MET A 180 10.02 8.67 6.45
CA MET A 180 9.05 9.66 6.02
C MET A 180 9.72 10.73 5.17
N SER A 181 8.93 11.34 4.31
CA SER A 181 9.38 12.39 3.41
C SER A 181 8.48 13.60 3.62
N SER A 182 9.09 14.77 3.67
CA SER A 182 8.36 16.00 3.84
C SER A 182 8.84 16.96 2.76
N THR A 183 7.91 17.49 1.98
CA THR A 183 8.24 18.41 0.91
C THR A 183 7.57 19.78 1.11
N LEU A 184 8.35 20.85 1.07
CA LEU A 184 7.82 22.20 1.20
C LEU A 184 7.94 22.83 -0.19
N THR A 185 6.83 23.29 -0.75
CA THR A 185 6.87 23.90 -2.08
C THR A 185 6.50 25.39 -2.04
N LEU A 186 7.34 26.22 -2.68
CA LEU A 186 7.15 27.67 -2.74
C LEU A 186 7.33 28.05 -4.19
N THR A 187 7.17 29.33 -4.48
CA THR A 187 7.40 29.83 -5.83
C THR A 187 8.90 30.08 -5.87
N LYS A 188 9.45 30.24 -7.07
CA LYS A 188 10.88 30.50 -7.22
C LYS A 188 11.20 31.85 -6.58
N ASP A 189 10.34 32.84 -6.85
CA ASP A 189 10.54 34.18 -6.32
C ASP A 189 10.62 34.25 -4.81
N GLU A 190 9.72 33.57 -4.12
CA GLU A 190 9.75 33.60 -2.67
C GLU A 190 10.93 32.84 -2.12
N TYR A 191 11.25 31.70 -2.74
CA TYR A 191 12.38 30.89 -2.32
C TYR A 191 13.65 31.75 -2.31
N GLU A 192 13.78 32.60 -3.33
CA GLU A 192 14.92 33.46 -3.47
C GLU A 192 14.93 34.69 -2.59
N ARG A 193 13.92 34.80 -1.74
CA ARG A 193 13.80 35.92 -0.83
C ARG A 193 14.23 35.57 0.61
N HIS A 194 14.42 34.29 0.89
CA HIS A 194 14.79 33.90 2.24
C HIS A 194 16.18 33.30 2.24
N ASN A 195 16.70 33.04 3.43
CA ASN A 195 18.05 32.50 3.55
C ASN A 195 18.13 31.09 4.14
N SER A 196 17.66 30.92 5.37
CA SER A 196 17.72 29.61 6.04
C SER A 196 16.46 28.78 5.92
N TYR A 197 16.63 27.51 5.58
CA TYR A 197 15.52 26.57 5.44
C TYR A 197 15.82 25.43 6.41
N THR A 198 14.93 25.24 7.38
CA THR A 198 15.11 24.21 8.39
C THR A 198 14.01 23.16 8.50
N CYS A 199 14.45 21.91 8.52
CA CYS A 199 13.59 20.75 8.66
C CYS A 199 13.80 20.38 10.14
N GLU A 200 12.75 20.46 10.96
CA GLU A 200 12.88 20.18 12.39
C GLU A 200 11.96 19.05 12.87
N ALA A 201 12.52 18.04 13.51
CA ALA A 201 11.72 16.91 13.98
C ALA A 201 11.69 16.71 15.49
N THR A 202 10.61 16.09 15.95
CA THR A 202 10.41 15.79 17.36
C THR A 202 10.20 14.29 17.40
N HIS A 203 11.02 13.60 18.19
CA HIS A 203 10.96 12.15 18.29
C HIS A 203 11.40 11.70 19.68
N LYS A 204 10.86 10.56 20.11
CA LYS A 204 11.15 9.93 21.39
C LYS A 204 12.66 9.81 21.66
N THR A 205 13.44 9.58 20.62
CA THR A 205 14.90 9.44 20.75
C THR A 205 15.66 10.71 21.09
N SER A 206 14.97 11.81 21.39
CA SER A 206 15.69 13.04 21.72
C SER A 206 14.87 14.03 22.55
N THR A 207 15.53 14.63 23.54
CA THR A 207 14.89 15.60 24.42
C THR A 207 14.81 16.99 23.75
N SER A 208 15.48 17.13 22.60
CA SER A 208 15.45 18.39 21.87
C SER A 208 15.18 18.10 20.38
N PRO A 209 14.62 19.07 19.66
CA PRO A 209 14.33 18.86 18.24
C PRO A 209 15.56 18.44 17.43
N ILE A 210 15.31 17.56 16.45
CA ILE A 210 16.33 17.06 15.54
C ILE A 210 16.29 18.02 14.33
N VAL A 211 17.43 18.64 14.05
CA VAL A 211 17.53 19.64 13.00
C VAL A 211 18.44 19.38 11.81
N LYS A 212 17.99 19.84 10.64
CA LYS A 212 18.75 19.74 9.41
C LYS A 212 18.40 21.02 8.67
N SER A 213 19.41 21.76 8.25
CA SER A 213 19.14 23.02 7.54
C SER A 213 20.22 23.40 6.55
N PHE A 214 19.91 24.40 5.74
CA PHE A 214 20.85 24.92 4.79
C PHE A 214 20.54 26.40 4.57
N ASN A 215 21.57 27.15 4.19
CA ASN A 215 21.42 28.56 3.91
C ASN A 215 21.69 28.67 2.43
N ARG A 216 20.74 29.20 1.69
CA ARG A 216 20.94 29.39 0.26
C ARG A 216 21.64 30.73 0.16
N ASN A 217 22.33 30.94 -0.94
CA ASN A 217 23.02 32.20 -1.21
C ASN A 217 23.55 32.09 -2.63
N GLU A 218 24.82 32.44 -2.87
CA GLU A 218 25.36 32.35 -4.23
C GLU A 218 26.88 32.50 -4.30
N CYS A 219 27.49 31.59 -5.05
CA CYS A 219 28.92 31.51 -5.34
C CYS A 219 29.34 30.03 -5.44
N GLU B 1 1.41 -24.71 -11.36
CA GLU B 1 1.37 -23.28 -11.00
C GLU B 1 0.07 -22.59 -11.47
N MET B 2 -0.79 -22.41 -10.48
CA MET B 2 -2.09 -21.82 -10.64
C MET B 2 -1.88 -20.30 -10.57
N GLN B 3 -2.35 -19.59 -11.59
CA GLN B 3 -2.21 -18.13 -11.66
C GLN B 3 -3.42 -17.32 -12.16
N LEU B 4 -3.66 -16.19 -11.51
CA LEU B 4 -4.76 -15.28 -11.84
C LEU B 4 -4.13 -13.94 -12.11
N GLN B 5 -4.26 -13.45 -13.35
CA GLN B 5 -3.67 -12.18 -13.75
C GLN B 5 -4.76 -11.16 -14.08
N GLN B 6 -4.80 -10.05 -13.33
CA GLN B 6 -5.82 -9.03 -13.56
C GLN B 6 -5.37 -7.88 -14.45
N SER B 7 -6.33 -7.19 -15.04
CA SER B 7 -6.06 -6.07 -15.92
C SER B 7 -5.47 -4.86 -15.18
N GLY B 8 -4.94 -3.91 -15.94
CA GLY B 8 -4.31 -2.73 -15.37
C GLY B 8 -5.22 -1.69 -14.77
N ALA B 9 -4.61 -0.72 -14.09
CA ALA B 9 -5.34 0.36 -13.43
C ALA B 9 -6.23 1.11 -14.42
N GLU B 10 -7.37 1.57 -13.96
CA GLU B 10 -8.33 2.26 -14.79
C GLU B 10 -8.70 3.62 -14.22
N LEU B 11 -8.85 4.59 -15.11
CA LEU B 11 -9.29 5.94 -14.73
C LEU B 11 -10.62 6.03 -15.50
N LEU B 12 -11.74 6.18 -14.79
CA LEU B 12 -13.06 6.23 -15.40
C LEU B 12 -13.77 7.51 -15.07
N ARG B 13 -14.57 7.97 -16.00
CA ARG B 13 -15.31 9.20 -15.79
C ARG B 13 -16.60 8.88 -15.05
N PRO B 14 -17.03 9.79 -14.17
CA PRO B 14 -18.27 9.58 -13.41
C PRO B 14 -19.45 9.23 -14.32
N GLY B 15 -20.20 8.20 -13.95
CA GLY B 15 -21.36 7.83 -14.73
C GLY B 15 -21.13 6.84 -15.84
N THR B 16 -19.88 6.53 -16.14
CA THR B 16 -19.61 5.57 -17.20
C THR B 16 -19.47 4.13 -16.62
N SER B 17 -19.00 3.20 -17.45
CA SER B 17 -18.88 1.80 -17.01
C SER B 17 -17.50 1.23 -17.37
N VAL B 18 -17.07 0.18 -16.67
CA VAL B 18 -15.78 -0.51 -16.92
C VAL B 18 -15.94 -2.00 -16.84
N LYS B 19 -15.11 -2.72 -17.59
CA LYS B 19 -15.12 -4.17 -17.53
C LYS B 19 -13.72 -4.61 -17.10
N LEU B 20 -13.63 -5.25 -15.94
CA LEU B 20 -12.37 -5.74 -15.41
C LEU B 20 -12.20 -7.20 -15.80
N SER B 21 -10.98 -7.62 -16.09
CA SER B 21 -10.75 -9.02 -16.45
C SER B 21 -9.79 -9.72 -15.48
N CYS B 22 -9.96 -11.02 -15.36
CA CYS B 22 -9.18 -11.86 -14.47
C CYS B 22 -8.89 -13.14 -15.24
N LYS B 23 -7.71 -13.17 -15.86
CA LYS B 23 -7.32 -14.31 -16.66
C LYS B 23 -6.67 -15.37 -15.78
N THR B 24 -7.08 -16.62 -15.94
CA THR B 24 -6.52 -17.67 -15.11
C THR B 24 -5.77 -18.72 -15.91
N SER B 25 -5.01 -19.53 -15.18
CA SER B 25 -4.25 -20.62 -15.77
C SER B 25 -3.78 -21.58 -14.67
N GLY B 26 -3.38 -22.77 -15.09
CA GLY B 26 -2.87 -23.73 -14.14
C GLY B 26 -3.88 -24.60 -13.47
N TYR B 27 -5.15 -24.47 -13.82
CA TYR B 27 -6.16 -25.33 -13.25
C TYR B 27 -7.38 -25.39 -14.16
N ILE B 28 -8.30 -26.29 -13.88
CA ILE B 28 -9.51 -26.44 -14.69
C ILE B 28 -10.48 -25.32 -14.33
N PHE B 29 -10.44 -24.27 -15.15
CA PHE B 29 -11.27 -23.06 -14.99
C PHE B 29 -12.75 -23.30 -14.66
N THR B 30 -13.38 -24.25 -15.35
CA THR B 30 -14.80 -24.52 -15.14
C THR B 30 -15.18 -25.25 -13.87
N SER B 31 -14.20 -25.74 -13.12
CA SER B 31 -14.52 -26.50 -11.94
C SER B 31 -14.49 -25.79 -10.59
N TYR B 32 -14.20 -24.49 -10.57
CA TYR B 32 -14.13 -23.76 -9.29
C TYR B 32 -14.83 -22.40 -9.35
N TRP B 33 -15.40 -21.99 -8.23
CA TRP B 33 -16.06 -20.70 -8.14
C TRP B 33 -15.01 -19.61 -8.09
N ILE B 34 -15.27 -18.50 -8.77
CA ILE B 34 -14.39 -17.34 -8.77
C ILE B 34 -15.19 -16.26 -8.02
N HIS B 35 -14.57 -15.66 -7.02
CA HIS B 35 -15.24 -14.62 -6.24
C HIS B 35 -14.56 -13.28 -6.53
N TRP B 36 -15.28 -12.19 -6.31
CA TRP B 36 -14.74 -10.85 -6.50
C TRP B 36 -14.93 -10.13 -5.16
N VAL B 37 -13.88 -9.43 -4.74
CA VAL B 37 -13.82 -8.71 -3.46
C VAL B 37 -13.37 -7.26 -3.71
N LYS B 38 -13.85 -6.34 -2.89
CA LYS B 38 -13.55 -4.94 -3.05
C LYS B 38 -12.81 -4.40 -1.83
N GLN B 39 -11.79 -3.58 -2.05
CA GLN B 39 -11.06 -2.99 -0.95
C GLN B 39 -10.95 -1.48 -1.08
N ARG B 40 -11.50 -0.75 -0.12
CA ARG B 40 -11.43 0.71 -0.12
C ARG B 40 -10.54 1.21 1.00
N SER B 41 -9.79 2.27 0.74
CA SER B 41 -8.87 2.90 1.69
C SER B 41 -8.18 1.97 2.68
N GLY B 42 -7.45 0.98 2.15
CA GLY B 42 -6.74 0.03 2.99
C GLY B 42 -7.66 -0.98 3.64
N GLN B 43 -7.46 -1.23 4.94
CA GLN B 43 -8.30 -2.21 5.63
C GLN B 43 -9.79 -1.84 5.49
N GLY B 44 -10.46 -2.58 4.63
CA GLY B 44 -11.89 -2.37 4.39
C GLY B 44 -12.37 -3.20 3.21
N LEU B 45 -12.51 -4.51 3.45
CA LEU B 45 -12.92 -5.46 2.43
C LEU B 45 -14.42 -5.76 2.38
N GLU B 46 -14.93 -5.98 1.18
CA GLU B 46 -16.34 -6.30 0.97
C GLU B 46 -16.42 -7.36 -0.09
N TRP B 47 -17.31 -8.32 0.13
CA TRP B 47 -17.51 -9.41 -0.81
C TRP B 47 -18.57 -8.97 -1.83
N ILE B 48 -18.26 -9.07 -3.12
CA ILE B 48 -19.18 -8.64 -4.17
C ILE B 48 -20.09 -9.74 -4.73
N ALA B 49 -19.48 -10.78 -5.30
CA ALA B 49 -20.23 -11.86 -5.92
C ALA B 49 -19.31 -13.04 -6.29
N ARG B 50 -19.91 -14.14 -6.74
CA ARG B 50 -19.20 -15.33 -7.16
C ARG B 50 -19.90 -15.93 -8.37
N ILE B 51 -19.10 -16.55 -9.23
CA ILE B 51 -19.61 -17.19 -10.43
C ILE B 51 -18.97 -18.58 -10.61
N TYR B 52 -19.76 -19.53 -11.08
CA TYR B 52 -19.24 -20.86 -11.34
C TYR B 52 -19.14 -20.88 -12.87
N PRO B 53 -17.93 -20.73 -13.41
CA PRO B 53 -17.73 -20.70 -14.87
C PRO B 53 -18.27 -21.89 -15.67
N GLY B 54 -18.41 -23.04 -15.04
CA GLY B 54 -18.90 -24.21 -15.74
C GLY B 54 -20.34 -24.06 -16.19
N THR B 55 -21.16 -23.43 -15.34
CA THR B 55 -22.57 -23.26 -15.65
C THR B 55 -22.97 -21.81 -15.87
N GLY B 56 -22.22 -20.88 -15.29
CA GLY B 56 -22.54 -19.47 -15.44
C GLY B 56 -23.36 -18.99 -14.26
N SER B 57 -23.62 -19.90 -13.33
CA SER B 57 -24.38 -19.58 -12.13
C SER B 57 -23.67 -18.49 -11.29
N THR B 58 -24.39 -17.46 -10.87
CA THR B 58 -23.83 -16.35 -10.09
C THR B 58 -24.71 -15.99 -8.90
N TYR B 59 -24.10 -15.47 -7.85
CA TYR B 59 -24.79 -15.05 -6.64
C TYR B 59 -24.20 -13.68 -6.30
N TYR B 60 -25.06 -12.70 -6.06
CA TYR B 60 -24.58 -11.36 -5.75
C TYR B 60 -24.95 -10.90 -4.37
N ASN B 61 -24.11 -10.04 -3.82
CA ASN B 61 -24.33 -9.40 -2.53
C ASN B 61 -25.42 -8.39 -2.96
N GLU B 62 -26.50 -8.29 -2.22
CA GLU B 62 -27.59 -7.37 -2.57
C GLU B 62 -27.11 -5.98 -2.92
N LYS B 63 -26.19 -5.44 -2.11
CA LYS B 63 -25.64 -4.10 -2.32
C LYS B 63 -25.14 -3.88 -3.74
N PHE B 64 -24.66 -4.95 -4.38
CA PHE B 64 -24.08 -4.81 -5.70
C PHE B 64 -24.94 -5.24 -6.86
N LYS B 65 -26.19 -5.62 -6.61
CA LYS B 65 -27.09 -5.99 -7.70
C LYS B 65 -27.33 -4.71 -8.49
N GLY B 66 -27.10 -4.77 -9.79
CA GLY B 66 -27.27 -3.60 -10.63
C GLY B 66 -25.97 -2.82 -10.78
N LYS B 67 -25.02 -3.07 -9.88
CA LYS B 67 -23.73 -2.39 -9.97
C LYS B 67 -22.73 -3.28 -10.69
N ALA B 68 -22.71 -4.55 -10.30
CA ALA B 68 -21.79 -5.52 -10.85
C ALA B 68 -22.44 -6.62 -11.67
N THR B 69 -21.81 -7.00 -12.77
CA THR B 69 -22.30 -8.11 -13.58
C THR B 69 -21.09 -8.97 -13.86
N LEU B 70 -21.14 -10.23 -13.45
CA LEU B 70 -20.04 -11.16 -13.65
C LEU B 70 -20.28 -12.08 -14.84
N THR B 71 -19.24 -12.30 -15.64
CA THR B 71 -19.31 -13.22 -16.77
C THR B 71 -18.01 -14.01 -16.78
N ALA B 72 -17.94 -15.03 -17.61
CA ALA B 72 -16.73 -15.83 -17.68
C ALA B 72 -16.66 -16.43 -19.07
N ASP B 73 -15.48 -16.43 -19.66
CA ASP B 73 -15.30 -16.99 -21.00
C ASP B 73 -14.53 -18.29 -20.88
N LYS B 74 -15.22 -19.40 -21.06
CA LYS B 74 -14.60 -20.71 -20.98
C LYS B 74 -13.52 -20.92 -22.02
N SER B 75 -13.72 -20.42 -23.23
CA SER B 75 -12.71 -20.60 -24.25
C SER B 75 -11.38 -19.90 -23.98
N SER B 76 -11.38 -18.93 -23.06
CA SER B 76 -10.15 -18.23 -22.75
C SER B 76 -9.78 -18.29 -21.26
N SER B 77 -10.60 -18.97 -20.46
CA SER B 77 -10.37 -19.10 -19.02
C SER B 77 -10.29 -17.74 -18.33
N THR B 78 -11.14 -16.82 -18.78
CA THR B 78 -11.16 -15.47 -18.25
C THR B 78 -12.50 -15.09 -17.63
N ALA B 79 -12.44 -14.57 -16.39
CA ALA B 79 -13.63 -14.11 -15.68
C ALA B 79 -13.63 -12.60 -15.84
N TYR B 80 -14.81 -12.01 -15.92
CA TYR B 80 -14.92 -10.56 -16.07
C TYR B 80 -15.93 -10.03 -15.08
N MET B 81 -15.78 -8.77 -14.74
CA MET B 81 -16.73 -8.11 -13.87
C MET B 81 -16.93 -6.73 -14.45
N GLN B 82 -18.17 -6.43 -14.84
CA GLN B 82 -18.47 -5.12 -15.37
C GLN B 82 -19.11 -4.29 -14.27
N LEU B 83 -18.64 -3.07 -14.12
CA LEU B 83 -19.19 -2.15 -13.14
C LEU B 83 -19.85 -1.06 -13.95
N SER B 84 -21.10 -0.76 -13.58
CA SER B 84 -21.91 0.22 -14.28
C SER B 84 -22.13 1.51 -13.52
N THR B 85 -22.31 2.60 -14.27
CA THR B 85 -22.59 3.94 -13.73
C THR B 85 -21.75 4.28 -12.52
N LEU B 86 -20.44 4.40 -12.76
CA LEU B 86 -19.49 4.64 -11.69
C LEU B 86 -19.66 5.93 -10.91
N LYS B 87 -19.50 5.82 -9.60
CA LYS B 87 -19.62 6.94 -8.67
C LYS B 87 -18.46 6.90 -7.69
N SER B 88 -18.39 7.90 -6.81
CA SER B 88 -17.33 8.03 -5.82
C SER B 88 -16.98 6.74 -5.07
N GLU B 89 -17.99 6.06 -4.55
CA GLU B 89 -17.80 4.83 -3.79
C GLU B 89 -17.15 3.70 -4.57
N ASP B 90 -17.20 3.78 -5.89
CA ASP B 90 -16.62 2.72 -6.73
C ASP B 90 -15.12 2.80 -6.91
N SER B 91 -14.50 3.90 -6.48
CA SER B 91 -13.06 4.02 -6.57
C SER B 91 -12.52 3.06 -5.53
N ALA B 92 -11.80 2.03 -5.96
CA ALA B 92 -11.28 1.04 -5.03
C ALA B 92 -10.38 0.08 -5.78
N VAL B 93 -9.85 -0.92 -5.06
CA VAL B 93 -9.04 -1.96 -5.67
C VAL B 93 -9.97 -3.18 -5.69
N TYR B 94 -10.05 -3.87 -6.81
CA TYR B 94 -10.91 -5.05 -6.90
C TYR B 94 -10.03 -6.29 -7.11
N PHE B 95 -10.31 -7.36 -6.36
CA PHE B 95 -9.56 -8.61 -6.46
C PHE B 95 -10.45 -9.75 -6.93
N CYS B 96 -9.90 -10.65 -7.73
CA CYS B 96 -10.65 -11.85 -8.11
C CYS B 96 -9.87 -12.94 -7.37
N THR B 97 -10.56 -14.00 -6.98
CA THR B 97 -9.91 -15.08 -6.27
C THR B 97 -10.57 -16.43 -6.48
N ARG B 98 -9.76 -17.46 -6.69
CA ARG B 98 -10.31 -18.80 -6.77
C ARG B 98 -10.27 -19.19 -5.29
N TRP B 99 -11.30 -18.77 -4.56
CA TRP B 99 -11.41 -18.96 -3.11
C TRP B 99 -11.10 -20.36 -2.59
N GLY B 100 -11.55 -21.38 -3.32
CA GLY B 100 -11.26 -22.75 -2.93
C GLY B 100 -12.23 -23.57 -2.08
N PHE B 101 -13.36 -23.00 -1.64
CA PHE B 101 -14.29 -23.81 -0.87
C PHE B 101 -14.95 -24.76 -1.85
N ILE B 102 -14.98 -26.06 -1.50
CA ILE B 102 -15.59 -27.08 -2.34
C ILE B 102 -16.84 -27.50 -1.59
N PRO B 103 -18.00 -27.04 -2.05
CA PRO B 103 -19.29 -27.37 -1.42
C PRO B 103 -19.54 -28.88 -1.17
N VAL B 104 -19.23 -29.74 -2.14
CA VAL B 104 -19.45 -31.18 -1.96
C VAL B 104 -18.61 -31.81 -0.86
N ARG B 105 -17.38 -31.33 -0.70
CA ARG B 105 -16.50 -31.85 0.32
C ARG B 105 -16.67 -31.12 1.65
N GLU B 106 -17.32 -29.96 1.61
CA GLU B 106 -17.48 -29.14 2.82
C GLU B 106 -16.11 -28.82 3.44
N ASP B 107 -15.15 -28.59 2.54
CA ASP B 107 -13.80 -28.31 2.96
C ASP B 107 -13.17 -27.44 1.89
N TYR B 108 -11.97 -26.94 2.17
CA TYR B 108 -11.28 -26.02 1.27
C TYR B 108 -10.02 -26.51 0.63
N VAL B 109 -9.77 -25.96 -0.55
CA VAL B 109 -8.59 -26.21 -1.36
C VAL B 109 -7.88 -24.83 -1.28
N MET B 110 -6.59 -24.74 -1.62
CA MET B 110 -5.87 -23.47 -1.53
C MET B 110 -6.47 -22.33 -2.33
N ASP B 111 -6.50 -21.15 -1.71
CA ASP B 111 -7.02 -19.96 -2.37
C ASP B 111 -5.91 -19.25 -3.15
N TYR B 112 -6.21 -18.86 -4.38
CA TYR B 112 -5.27 -18.12 -5.23
C TYR B 112 -5.92 -16.80 -5.58
N TRP B 113 -5.16 -15.72 -5.53
CA TRP B 113 -5.67 -14.37 -5.77
C TRP B 113 -4.99 -13.65 -6.90
N GLY B 114 -5.73 -12.77 -7.57
CA GLY B 114 -5.15 -11.96 -8.62
C GLY B 114 -4.42 -10.83 -7.91
N GLN B 115 -3.66 -10.01 -8.63
CA GLN B 115 -2.92 -8.91 -7.99
C GLN B 115 -3.74 -7.67 -7.63
N GLY B 116 -4.95 -7.56 -8.19
CA GLY B 116 -5.78 -6.41 -7.88
C GLY B 116 -5.76 -5.38 -8.98
N THR B 117 -6.90 -4.75 -9.21
CA THR B 117 -7.05 -3.70 -10.22
C THR B 117 -7.58 -2.47 -9.51
N LEU B 118 -6.87 -1.35 -9.67
CA LEU B 118 -7.23 -0.08 -9.04
C LEU B 118 -8.11 0.69 -10.02
N VAL B 119 -9.28 1.11 -9.57
CA VAL B 119 -10.20 1.90 -10.40
C VAL B 119 -10.31 3.29 -9.77
N THR B 120 -10.05 4.32 -10.56
CA THR B 120 -10.13 5.70 -10.08
C THR B 120 -11.26 6.39 -10.83
N VAL B 121 -12.30 6.81 -10.12
CA VAL B 121 -13.42 7.50 -10.73
C VAL B 121 -13.20 9.01 -10.56
N SER B 122 -12.92 9.69 -11.67
CA SER B 122 -12.65 11.12 -11.65
C SER B 122 -12.82 11.74 -13.04
N SER B 123 -13.03 13.04 -13.09
CA SER B 123 -13.16 13.72 -14.37
C SER B 123 -11.91 14.60 -14.61
N ALA B 124 -10.94 14.52 -13.68
CA ALA B 124 -9.69 15.29 -13.77
C ALA B 124 -8.86 14.79 -14.93
N LYS B 125 -8.15 15.71 -15.58
CA LYS B 125 -7.35 15.33 -16.74
C LYS B 125 -6.01 14.66 -16.45
N THR B 126 -5.57 13.84 -17.40
CA THR B 126 -4.31 13.12 -17.33
C THR B 126 -3.15 14.10 -17.53
N THR B 127 -2.21 14.11 -16.59
CA THR B 127 -1.08 15.02 -16.64
C THR B 127 0.24 14.27 -16.43
N ALA B 128 1.23 14.54 -17.29
CA ALA B 128 2.55 13.91 -17.22
C ALA B 128 3.35 14.51 -16.06
N PRO B 129 4.17 13.68 -15.37
CA PRO B 129 4.94 14.20 -14.24
C PRO B 129 6.24 14.90 -14.62
N SER B 130 6.71 15.76 -13.73
CA SER B 130 7.99 16.43 -13.90
C SER B 130 8.84 15.67 -12.91
N VAL B 131 10.03 15.25 -13.34
CA VAL B 131 10.97 14.49 -12.52
C VAL B 131 12.18 15.38 -12.20
N TYR B 132 12.46 15.54 -10.91
CA TYR B 132 13.57 16.39 -10.45
C TYR B 132 14.59 15.60 -9.63
N PRO B 133 15.89 15.76 -9.93
CA PRO B 133 16.93 15.05 -9.20
C PRO B 133 17.28 15.78 -7.90
N LEU B 134 17.53 15.03 -6.83
CA LEU B 134 17.87 15.64 -5.55
C LEU B 134 19.27 15.23 -5.17
N ALA B 135 20.21 16.16 -5.33
CA ALA B 135 21.61 15.93 -4.98
C ALA B 135 21.80 16.60 -3.65
N PRO B 136 22.64 16.03 -2.77
CA PRO B 136 22.93 16.56 -1.43
C PRO B 136 23.63 17.91 -1.32
N VAL B 137 23.41 18.56 -0.19
CA VAL B 137 24.03 19.83 0.14
C VAL B 137 24.35 19.70 1.63
N CYS B 138 23.34 19.25 2.38
CA CYS B 138 23.43 19.02 3.82
C CYS B 138 22.95 17.58 4.00
N GLY B 139 22.03 17.16 3.12
CA GLY B 139 21.50 15.81 3.13
C GLY B 139 22.50 14.87 2.48
N ASP B 140 23.77 15.13 2.77
CA ASP B 140 24.90 14.38 2.26
C ASP B 140 25.21 13.22 3.19
N THR B 141 24.72 13.32 4.43
CA THR B 141 24.95 12.31 5.45
C THR B 141 26.48 12.26 5.75
N THR B 142 27.16 13.34 5.36
CA THR B 142 28.59 13.50 5.54
C THR B 142 29.37 12.43 4.74
N GLY B 143 30.28 11.73 5.40
CA GLY B 143 31.04 10.69 4.74
C GLY B 143 30.41 9.35 5.08
N SER B 144 31.07 8.28 4.65
CA SER B 144 30.60 6.91 4.88
C SER B 144 29.49 6.63 3.87
N SER B 145 28.35 7.29 4.04
CA SER B 145 27.23 7.12 3.14
C SER B 145 26.66 8.47 2.73
N VAL B 146 25.93 8.47 1.61
CA VAL B 146 25.30 9.67 1.07
C VAL B 146 23.93 9.27 0.52
N THR B 147 22.93 10.13 0.69
CA THR B 147 21.61 9.81 0.18
C THR B 147 21.21 10.80 -0.92
N LEU B 148 20.66 10.23 -1.99
CA LEU B 148 20.20 11.00 -3.13
C LEU B 148 18.69 10.82 -3.18
N GLY B 149 18.03 11.61 -4.01
CA GLY B 149 16.60 11.46 -4.10
C GLY B 149 16.08 11.78 -5.48
N CYS B 150 14.79 11.52 -5.66
CA CYS B 150 14.13 11.77 -6.92
C CYS B 150 12.74 12.28 -6.61
N LEU B 151 12.41 13.47 -7.11
CA LEU B 151 11.10 14.07 -6.87
C LEU B 151 10.27 13.99 -8.14
N VAL B 152 9.14 13.30 -8.04
CA VAL B 152 8.20 13.14 -9.16
C VAL B 152 6.96 13.95 -8.80
N LYS B 153 6.72 15.05 -9.50
CA LYS B 153 5.56 15.83 -9.15
C LYS B 153 4.67 16.35 -10.27
N GLY B 154 3.41 16.55 -9.90
CA GLY B 154 2.42 17.09 -10.80
C GLY B 154 1.85 16.13 -11.81
N TYR B 155 1.54 14.91 -11.41
CA TYR B 155 0.98 13.96 -12.36
C TYR B 155 -0.39 13.46 -11.96
N PHE B 156 -1.12 12.94 -12.93
CA PHE B 156 -2.43 12.36 -12.70
C PHE B 156 -2.76 11.45 -13.87
N PRO B 157 -3.28 10.25 -13.58
CA PRO B 157 -3.59 9.73 -12.24
C PRO B 157 -2.49 8.76 -11.85
N GLU B 158 -2.70 8.04 -10.77
CA GLU B 158 -1.75 7.02 -10.34
C GLU B 158 -1.95 5.85 -11.30
N PRO B 159 -0.92 5.00 -11.47
CA PRO B 159 0.40 5.04 -10.85
C PRO B 159 1.56 5.48 -11.75
N VAL B 160 2.73 5.57 -11.13
CA VAL B 160 3.97 5.92 -11.78
C VAL B 160 4.93 4.77 -11.38
N THR B 161 5.94 4.51 -12.19
CA THR B 161 6.90 3.45 -11.91
C THR B 161 8.22 4.16 -11.67
N LEU B 162 8.88 3.89 -10.54
CA LEU B 162 10.14 4.53 -10.24
C LEU B 162 11.19 3.51 -9.81
N THR B 163 12.31 3.47 -10.52
CA THR B 163 13.42 2.55 -10.19
C THR B 163 14.72 3.33 -10.19
N TRP B 164 15.78 2.67 -9.74
CA TRP B 164 17.10 3.27 -9.72
C TRP B 164 18.02 2.35 -10.51
N ASN B 165 18.80 2.92 -11.42
CA ASN B 165 19.72 2.16 -12.26
C ASN B 165 19.02 0.95 -12.88
N SER B 166 17.85 1.22 -13.48
CA SER B 166 17.06 0.19 -14.14
C SER B 166 16.69 -1.01 -13.27
N GLY B 167 16.63 -0.80 -11.96
CA GLY B 167 16.29 -1.88 -11.06
C GLY B 167 17.49 -2.59 -10.49
N SER B 168 18.69 -2.26 -10.99
CA SER B 168 19.93 -2.88 -10.50
C SER B 168 20.26 -2.44 -9.08
N LEU B 169 19.70 -1.32 -8.67
CA LEU B 169 19.93 -0.76 -7.34
C LEU B 169 18.61 -0.77 -6.56
N SER B 170 18.42 -1.80 -5.74
CA SER B 170 17.20 -1.95 -4.97
C SER B 170 17.41 -1.89 -3.46
N SER B 171 18.66 -2.02 -3.04
CA SER B 171 18.94 -1.98 -1.61
C SER B 171 19.16 -0.58 -1.12
N GLY B 172 18.48 -0.25 -0.02
CA GLY B 172 18.62 1.07 0.56
C GLY B 172 17.78 2.14 -0.12
N VAL B 173 16.78 1.73 -0.91
CA VAL B 173 15.90 2.68 -1.57
C VAL B 173 14.58 2.76 -0.81
N HIS B 174 14.01 3.97 -0.73
CA HIS B 174 12.74 4.17 -0.06
C HIS B 174 11.87 4.93 -1.01
N THR B 175 10.73 4.36 -1.37
CA THR B 175 9.77 5.01 -2.26
C THR B 175 8.51 5.29 -1.46
N PHE B 176 8.21 6.57 -1.32
CA PHE B 176 7.08 7.02 -0.54
C PHE B 176 5.78 7.05 -1.34
N PRO B 177 4.67 6.68 -0.68
CA PRO B 177 3.35 6.65 -1.32
C PRO B 177 2.99 8.04 -1.84
N ALA B 178 2.48 8.10 -3.06
CA ALA B 178 2.08 9.37 -3.66
C ALA B 178 0.97 10.01 -2.85
N VAL B 179 1.00 11.34 -2.78
CA VAL B 179 0.01 12.12 -2.06
C VAL B 179 -0.68 13.07 -3.04
N LEU B 180 -2.01 13.09 -3.00
CA LEU B 180 -2.80 13.93 -3.89
C LEU B 180 -2.97 15.32 -3.29
N GLN B 181 -2.79 16.34 -4.10
CA GLN B 181 -2.98 17.71 -3.67
C GLN B 181 -3.28 18.58 -4.88
N SER B 182 -4.45 19.19 -4.89
CA SER B 182 -4.89 20.07 -5.98
C SER B 182 -4.98 19.33 -7.31
N ASP B 183 -5.58 18.14 -7.26
CA ASP B 183 -5.77 17.30 -8.45
C ASP B 183 -4.50 16.72 -9.08
N LEU B 184 -3.37 16.79 -8.37
CA LEU B 184 -2.11 16.27 -8.87
C LEU B 184 -1.38 15.52 -7.76
N TYR B 185 -0.70 14.44 -8.12
CA TYR B 185 0.05 13.65 -7.16
C TYR B 185 1.52 14.03 -7.15
N THR B 186 2.14 13.82 -6.00
CA THR B 186 3.57 14.04 -5.84
C THR B 186 4.08 12.78 -5.15
N LEU B 187 5.24 12.31 -5.60
CA LEU B 187 5.86 11.11 -5.05
C LEU B 187 7.37 11.34 -4.98
N SER B 188 8.02 10.72 -4.01
CA SER B 188 9.46 10.89 -3.88
C SER B 188 10.13 9.56 -3.50
N SER B 189 11.42 9.45 -3.79
CA SER B 189 12.18 8.25 -3.48
C SER B 189 13.59 8.65 -3.08
N SER B 190 14.16 7.95 -2.10
CA SER B 190 15.52 8.23 -1.66
C SER B 190 16.34 6.95 -1.80
N VAL B 191 17.63 7.09 -2.06
CA VAL B 191 18.52 5.93 -2.17
C VAL B 191 19.81 6.28 -1.45
N THR B 192 20.23 5.40 -0.54
CA THR B 192 21.44 5.65 0.20
C THR B 192 22.55 4.76 -0.32
N VAL B 193 23.69 5.37 -0.66
CA VAL B 193 24.85 4.65 -1.17
C VAL B 193 26.10 5.02 -0.37
N THR B 194 27.19 4.30 -0.57
CA THR B 194 28.43 4.60 0.13
C THR B 194 29.13 5.78 -0.56
N SER B 195 29.87 6.57 0.20
CA SER B 195 30.57 7.73 -0.34
C SER B 195 31.46 7.36 -1.54
N SER B 196 31.86 6.09 -1.61
CA SER B 196 32.72 5.60 -2.68
C SER B 196 32.00 5.29 -3.99
N THR B 197 30.70 5.02 -3.91
CA THR B 197 29.93 4.72 -5.11
C THR B 197 29.69 6.01 -5.87
N TRP B 198 29.02 6.95 -5.21
CA TRP B 198 28.69 8.23 -5.81
C TRP B 198 29.66 9.26 -5.23
N PRO B 199 30.06 10.28 -6.02
CA PRO B 199 29.73 10.63 -7.41
C PRO B 199 30.47 9.83 -8.48
N SER B 200 31.40 8.99 -8.03
CA SER B 200 32.23 8.15 -8.90
C SER B 200 31.41 7.50 -10.01
N GLN B 201 30.59 6.52 -9.65
CA GLN B 201 29.73 5.86 -10.63
C GLN B 201 28.38 6.61 -10.61
N SER B 202 27.72 6.67 -11.76
CA SER B 202 26.46 7.38 -11.86
C SER B 202 25.23 6.67 -11.29
N ILE B 203 24.33 7.48 -10.74
CA ILE B 203 23.08 6.99 -10.15
C ILE B 203 21.98 7.64 -10.97
N THR B 204 21.07 6.83 -11.49
CA THR B 204 19.99 7.35 -12.29
C THR B 204 18.62 6.91 -11.77
N CYS B 205 17.66 7.82 -11.85
CA CYS B 205 16.29 7.62 -11.41
C CYS B 205 15.44 7.36 -12.66
N ASN B 206 14.75 6.22 -12.71
CA ASN B 206 13.94 5.89 -13.88
C ASN B 206 12.44 6.03 -13.53
N VAL B 207 11.71 6.79 -14.33
CA VAL B 207 10.30 7.00 -14.04
C VAL B 207 9.40 6.74 -15.24
N ALA B 208 8.30 6.04 -14.99
CA ALA B 208 7.34 5.74 -16.04
C ALA B 208 5.92 6.06 -15.57
N HIS B 209 5.17 6.75 -16.43
CA HIS B 209 3.78 7.10 -16.13
C HIS B 209 2.99 6.58 -17.32
N PRO B 210 2.53 5.33 -17.25
CA PRO B 210 1.75 4.71 -18.32
C PRO B 210 0.60 5.53 -18.89
N ALA B 211 -0.23 6.09 -18.00
CA ALA B 211 -1.38 6.89 -18.39
C ALA B 211 -1.11 8.01 -19.40
N SER B 212 0.12 8.52 -19.39
CA SER B 212 0.48 9.58 -20.31
C SER B 212 1.64 9.15 -21.20
N SER B 213 1.92 7.85 -21.20
CA SER B 213 3.03 7.29 -21.98
C SER B 213 4.32 8.09 -21.77
N THR B 214 4.64 8.35 -20.51
CA THR B 214 5.86 9.09 -20.21
C THR B 214 6.88 8.15 -19.62
N LYS B 215 8.13 8.29 -20.05
CA LYS B 215 9.22 7.48 -19.54
C LYS B 215 10.40 8.45 -19.47
N VAL B 216 10.98 8.60 -18.31
CA VAL B 216 12.09 9.52 -18.14
C VAL B 216 13.14 9.03 -17.15
N ASP B 217 14.39 9.29 -17.48
CA ASP B 217 15.50 8.89 -16.63
C ASP B 217 16.22 10.17 -16.24
N LYS B 218 16.46 10.37 -14.95
CA LYS B 218 17.17 11.54 -14.48
C LYS B 218 18.44 11.06 -13.80
N LYS B 219 19.56 11.62 -14.20
CA LYS B 219 20.86 11.26 -13.66
C LYS B 219 21.15 12.23 -12.51
N ILE B 220 21.41 11.72 -11.33
CA ILE B 220 21.71 12.60 -10.20
C ILE B 220 23.15 13.05 -10.35
N GLU B 221 23.34 14.31 -10.71
CA GLU B 221 24.67 14.88 -10.88
C GLU B 221 24.95 15.77 -9.67
N PRO B 222 26.24 15.90 -9.29
CA PRO B 222 26.62 16.73 -8.14
C PRO B 222 26.35 18.22 -8.38
#